data_6TH7
#
_entry.id   6TH7
#
_cell.length_a   61.258
_cell.length_b   99.114
_cell.length_c   117.034
_cell.angle_alpha   90.000
_cell.angle_beta   90.000
_cell.angle_gamma   90.000
#
_symmetry.space_group_name_H-M   'P 21 21 21'
#
loop_
_entity.id
_entity.type
_entity.pdbx_description
1 polymer 'Chymotrypsin-like elastase family member 1'
2 polymer Tutuilamide
3 polymer Tutuilamide
4 non-polymer 'CALCIUM ION'
5 water water
#
loop_
_entity_poly.entity_id
_entity_poly.type
_entity_poly.pdbx_seq_one_letter_code
_entity_poly.pdbx_strand_id
1 'polypeptide(L)'
;VVGGTEAQRNSWPSQISLQYRSGSSWAHTCGGTLIRQNWVMTAAHCVDRELTFRVVVGEHNLNQNDGTEQYVGVQKIVVH
PYWNTDDVAAGYDIALLRLAQSVTLNSYVQLGVLPRAGTILANNSPCYITGWGLTRTNGQLAQTLQQAYLPTVDYAICSS
SSYWGSTVKNSMVCAGGDGVRSGCQGDSGGPLHCLVNGQYAVHGVTSFVSRLGCNVTRKPTVFTRVSAYISWINNVIASN
;
A,B
2 'polypeptide(L)' V(YNM)F(AA4)(ABA)(ABA)I(5XU)(O4Q) C
3 'polypeptide(L)' (ABA)(AA4)F(YNM)V(ABA)I(5XU)(O4Q) D
#
# COMPACT_ATOMS: atom_id res chain seq x y z
N VAL A 1 -12.79 14.74 2.72
CA VAL A 1 -11.38 14.52 2.96
C VAL A 1 -10.61 15.83 2.78
N VAL A 2 -10.03 16.33 3.88
CA VAL A 2 -9.17 17.51 3.86
C VAL A 2 -7.73 17.06 3.60
N GLY A 3 -7.02 17.84 2.78
CA GLY A 3 -5.63 17.59 2.49
C GLY A 3 -5.38 16.47 1.51
N GLY A 4 -6.42 16.00 0.82
CA GLY A 4 -6.31 14.85 -0.02
C GLY A 4 -6.07 15.20 -1.49
N THR A 5 -6.25 14.17 -2.32
CA THR A 5 -6.14 14.30 -3.77
C THR A 5 -7.19 13.40 -4.41
N GLU A 6 -7.49 13.70 -5.67
CA GLU A 6 -8.46 12.90 -6.40
C GLU A 6 -7.90 11.50 -6.60
N ALA A 7 -8.66 10.50 -6.15
CA ALA A 7 -8.27 9.11 -6.31
C ALA A 7 -8.37 8.72 -7.78
N GLN A 8 -7.57 7.72 -8.16
CA GLN A 8 -7.75 7.05 -9.44
C GLN A 8 -8.90 6.06 -9.33
N ARG A 9 -9.44 5.71 -10.49
CA ARG A 9 -10.77 5.09 -10.53
C ARG A 9 -10.75 3.67 -10.00
N ASN A 10 -9.62 2.98 -10.06
CA ASN A 10 -9.56 1.58 -9.66
C ASN A 10 -8.85 1.36 -8.32
N SER A 11 -8.61 2.44 -7.57
CA SER A 11 -7.83 2.28 -6.35
C SER A 11 -8.69 1.72 -5.22
N TRP A 12 -9.95 2.17 -5.14
CA TRP A 12 -10.84 1.86 -4.03
C TRP A 12 -12.20 1.40 -4.54
N PRO A 13 -12.23 0.28 -5.29
CA PRO A 13 -13.49 -0.21 -5.87
C PRO A 13 -14.53 -0.64 -4.85
N SER A 14 -14.20 -0.65 -3.56
CA SER A 14 -15.16 -1.00 -2.53
C SER A 14 -15.87 0.23 -1.95
N GLN A 15 -15.36 1.44 -2.19
CA GLN A 15 -16.03 2.65 -1.74
C GLN A 15 -17.37 2.83 -2.44
N ILE A 16 -18.40 3.25 -1.68
CA ILE A 16 -19.69 3.59 -2.25
C ILE A 16 -20.16 4.93 -1.69
N SER A 17 -21.03 5.60 -2.44
CA SER A 17 -21.75 6.80 -1.98
C SER A 17 -23.13 6.40 -1.47
N LEU A 18 -23.39 6.65 -0.19
CA LEU A 18 -24.75 6.52 0.36
C LEU A 18 -25.55 7.80 0.13
N GLN A 19 -26.75 7.64 -0.42
CA GLN A 19 -27.59 8.78 -0.78
C GLN A 19 -29.03 8.52 -0.36
N TYR A 20 -29.70 9.60 0.03
CA TYR A 20 -31.12 9.55 0.35
C TYR A 20 -31.92 10.26 -0.73
N ARG A 21 -33.10 9.73 -1.00
CA ARG A 21 -34.01 10.35 -1.96
C ARG A 21 -34.47 11.69 -1.40
N SER A 22 -34.33 12.73 -2.21
CA SER A 22 -34.80 14.06 -1.83
C SER A 22 -35.58 14.62 -3.01
N GLY A 23 -36.91 14.53 -2.93
CA GLY A 23 -37.76 14.98 -4.00
C GLY A 23 -37.50 14.22 -5.29
N SER A 24 -37.07 14.97 -6.31
CA SER A 24 -36.86 14.45 -7.65
C SER A 24 -35.59 13.62 -7.77
N SER A 25 -34.59 13.91 -6.92
CA SER A 25 -33.27 13.36 -7.08
C SER A 25 -32.79 12.79 -5.75
N TRP A 26 -31.48 12.56 -5.65
CA TRP A 26 -30.82 11.96 -4.49
C TRP A 26 -29.69 12.89 -4.05
N ALA A 27 -29.14 12.59 -2.87
CA ALA A 27 -28.22 13.50 -2.20
C ALA A 27 -27.18 12.67 -1.47
N HIS A 28 -25.90 12.91 -1.77
CA HIS A 28 -24.86 12.22 -1.02
C HIS A 28 -24.89 12.63 0.45
N THR A 29 -24.90 11.66 1.37
CA THR A 29 -24.84 11.94 2.79
C THR A 29 -23.69 11.27 3.49
N CYS A 30 -23.24 10.14 2.98
CA CYS A 30 -22.29 9.35 3.72
C CYS A 30 -21.54 8.46 2.74
N GLY A 31 -20.48 7.86 3.28
CA GLY A 31 -19.76 6.81 2.60
C GLY A 31 -20.15 5.46 3.16
N GLY A 32 -19.57 4.43 2.57
CA GLY A 32 -19.81 3.06 2.97
C GLY A 32 -18.83 2.17 2.24
N THR A 33 -18.84 0.89 2.62
CA THR A 33 -17.97 -0.13 2.03
C THR A 33 -18.83 -1.32 1.59
N LEU A 34 -18.63 -1.73 0.34
CA LEU A 34 -19.26 -2.94 -0.19
C LEU A 34 -18.51 -4.15 0.34
N ILE A 35 -19.17 -4.98 1.13
CA ILE A 35 -18.52 -6.13 1.73
C ILE A 35 -19.08 -7.46 1.23
N ARG A 36 -20.27 -7.46 0.62
CA ARG A 36 -20.77 -8.60 -0.15
C ARG A 36 -21.46 -8.02 -1.37
N GLN A 37 -21.74 -8.88 -2.36
CA GLN A 37 -22.43 -8.38 -3.54
C GLN A 37 -23.75 -7.71 -3.18
N ASN A 38 -24.31 -7.99 -2.00
CA ASN A 38 -25.57 -7.37 -1.62
C ASN A 38 -25.55 -6.79 -0.21
N TRP A 39 -24.39 -6.38 0.28
CA TRP A 39 -24.29 -5.84 1.62
C TRP A 39 -23.26 -4.72 1.65
N VAL A 40 -23.60 -3.66 2.35
CA VAL A 40 -22.73 -2.49 2.50
C VAL A 40 -22.57 -2.24 3.99
N MET A 41 -21.36 -1.84 4.38
CA MET A 41 -21.05 -1.47 5.75
C MET A 41 -20.88 0.03 5.86
N THR A 42 -21.57 0.64 6.80
CA THR A 42 -21.49 2.10 6.99
C THR A 42 -21.58 2.39 8.48
N ALA A 43 -21.70 3.66 8.82
CA ALA A 43 -21.89 4.10 10.19
C ALA A 43 -23.36 4.09 10.59
N ALA A 44 -23.62 3.73 11.85
CA ALA A 44 -24.98 3.78 12.36
C ALA A 44 -25.56 5.19 12.31
N HIS A 45 -24.78 6.21 12.65
CA HIS A 45 -25.33 7.56 12.67
C HIS A 45 -25.79 8.02 11.29
N CYS A 46 -25.38 7.34 10.22
CA CYS A 46 -25.84 7.75 8.90
C CYS A 46 -27.26 7.28 8.61
N VAL A 47 -27.69 6.18 9.22
CA VAL A 47 -28.96 5.57 8.82
C VAL A 47 -29.89 5.50 10.03
N ASP A 48 -29.68 6.40 10.98
CA ASP A 48 -30.50 6.47 12.18
C ASP A 48 -31.94 6.80 11.87
N ARG A 49 -32.18 7.53 10.79
CA ARG A 49 -33.50 8.04 10.48
C ARG A 49 -34.19 7.15 9.45
N GLU A 50 -35.50 7.33 9.35
CA GLU A 50 -36.33 6.55 8.43
C GLU A 50 -36.39 7.32 7.13
N LEU A 51 -35.41 7.08 6.25
CA LEU A 51 -35.43 7.63 4.92
C LEU A 51 -35.18 6.54 3.89
N THR A 52 -35.47 6.87 2.64
CA THR A 52 -35.20 6.00 1.51
C THR A 52 -33.75 6.16 1.07
N PHE A 53 -32.95 5.10 1.19
CA PHE A 53 -31.56 5.13 0.82
C PHE A 53 -31.26 4.30 -0.43
N ARG A 54 -30.20 4.72 -1.13
CA ARG A 54 -29.54 3.95 -2.17
C ARG A 54 -28.03 4.12 -1.99
N VAL A 55 -27.29 3.13 -2.48
CA VAL A 55 -25.82 3.19 -2.59
C VAL A 55 -25.46 3.20 -4.06
N VAL A 56 -24.43 3.97 -4.40
CA VAL A 56 -23.83 3.96 -5.73
C VAL A 56 -22.46 3.30 -5.61
N VAL A 57 -22.29 2.17 -6.34
CA VAL A 57 -20.99 1.50 -6.50
C VAL A 57 -20.37 1.93 -7.83
N GLY A 58 -19.05 1.85 -7.93
CA GLY A 58 -18.39 2.33 -9.13
C GLY A 58 -18.60 3.80 -9.37
N GLU A 59 -18.90 4.54 -8.30
CA GLU A 59 -19.06 5.99 -8.39
C GLU A 59 -17.70 6.65 -8.33
N HIS A 60 -17.53 7.70 -9.12
CA HIS A 60 -16.33 8.54 -8.97
C HIS A 60 -16.72 10.00 -8.85
N ASN A 61 -17.56 10.47 -9.76
CA ASN A 61 -18.04 11.84 -9.76
C ASN A 61 -19.51 11.85 -9.38
N LEU A 62 -19.85 12.62 -8.34
CA LEU A 62 -21.21 12.58 -7.83
C LEU A 62 -22.24 13.07 -8.83
N ASN A 63 -21.87 14.01 -9.70
CA ASN A 63 -22.85 14.65 -10.57
C ASN A 63 -22.42 14.63 -12.03
N GLN A 64 -21.66 13.62 -12.42
CA GLN A 64 -21.33 13.39 -13.82
C GLN A 64 -21.40 11.89 -14.08
N ASN A 65 -21.66 11.51 -15.32
CA ASN A 65 -21.77 10.08 -15.64
C ASN A 65 -20.38 9.52 -15.91
N ASP A 66 -19.95 8.62 -15.02
CA ASP A 66 -18.67 7.96 -15.16
C ASP A 66 -18.74 6.72 -16.03
N GLY A 67 -19.95 6.28 -16.40
CA GLY A 67 -20.12 5.07 -17.17
C GLY A 67 -19.96 3.78 -16.40
N THR A 68 -19.71 3.84 -15.10
CA THR A 68 -19.36 2.67 -14.31
C THR A 68 -20.29 2.41 -13.13
N GLU A 69 -21.31 3.23 -12.94
CA GLU A 69 -22.09 3.24 -11.72
C GLU A 69 -23.20 2.21 -11.75
N GLN A 70 -23.49 1.64 -10.58
CA GLN A 70 -24.72 0.88 -10.37
C GLN A 70 -25.43 1.52 -9.19
N TYR A 71 -26.69 1.93 -9.41
CA TYR A 71 -27.52 2.61 -8.41
C TYR A 71 -28.43 1.59 -7.75
N VAL A 72 -28.13 1.24 -6.49
CA VAL A 72 -28.73 0.08 -5.84
C VAL A 72 -29.47 0.51 -4.59
N GLY A 73 -30.73 0.11 -4.51
CA GLY A 73 -31.51 0.40 -3.33
C GLY A 73 -31.04 -0.37 -2.11
N VAL A 74 -31.32 0.24 -0.97
CA VAL A 74 -31.19 -0.37 0.34
C VAL A 74 -32.56 -0.84 0.75
N GLN A 75 -32.69 -2.15 0.92
CA GLN A 75 -33.92 -2.74 1.38
C GLN A 75 -34.02 -2.82 2.91
N LYS A 76 -32.89 -3.15 3.57
CA LYS A 76 -32.80 -3.45 5.00
C LYS A 76 -31.67 -2.60 5.61
N ILE A 77 -31.95 -2.04 6.78
CA ILE A 77 -30.91 -1.35 7.55
C ILE A 77 -30.77 -2.07 8.86
N VAL A 78 -29.56 -2.51 9.20
CA VAL A 78 -29.30 -3.22 10.44
C VAL A 78 -28.26 -2.43 11.22
N VAL A 79 -28.72 -1.73 12.22
CA VAL A 79 -27.91 -0.98 13.16
C VAL A 79 -27.44 -1.90 14.28
N HIS A 80 -26.26 -1.63 14.78
CA HIS A 80 -25.80 -2.33 15.97
C HIS A 80 -26.77 -2.03 17.12
N PRO A 81 -27.31 -3.06 17.78
CA PRO A 81 -28.33 -2.82 18.82
C PRO A 81 -27.87 -1.92 19.95
N TYR A 82 -26.59 -1.82 20.22
CA TYR A 82 -26.16 -0.98 21.35
C TYR A 82 -25.84 0.43 20.91
N TRP A 83 -25.93 0.72 19.61
CA TRP A 83 -25.77 2.09 19.13
C TRP A 83 -26.67 3.01 19.95
N ASN A 84 -26.09 4.11 20.43
CA ASN A 84 -26.82 5.18 21.10
C ASN A 84 -26.66 6.49 20.34
N THR A 85 -27.72 6.90 19.64
CA THR A 85 -27.68 8.11 18.83
C THR A 85 -27.05 9.30 19.55
N ASP A 86 -27.24 9.40 20.84
CA ASP A 86 -26.84 10.58 21.60
C ASP A 86 -25.47 10.44 22.27
N ASP A 87 -24.76 9.33 22.03
CA ASP A 87 -23.45 9.12 22.64
C ASP A 87 -22.59 8.33 21.63
N VAL A 88 -22.12 9.05 20.61
CA VAL A 88 -21.25 8.43 19.62
C VAL A 88 -19.96 7.95 20.25
N ALA A 89 -19.45 8.66 21.28
CA ALA A 89 -18.24 8.25 21.97
C ALA A 89 -18.40 6.93 22.71
N ALA A 90 -19.62 6.44 22.92
CA ALA A 90 -19.75 5.12 23.50
C ALA A 90 -19.41 4.02 22.50
N GLY A 91 -19.40 4.36 21.21
CA GLY A 91 -19.09 3.40 20.17
C GLY A 91 -20.33 2.75 19.58
N TYR A 92 -20.09 1.60 18.95
CA TYR A 92 -21.11 0.82 18.25
C TYR A 92 -21.67 1.55 17.04
N ASP A 93 -20.94 2.53 16.53
CA ASP A 93 -21.34 3.30 15.35
C ASP A 93 -21.05 2.46 14.10
N ILE A 94 -21.88 1.42 13.89
CA ILE A 94 -21.76 0.57 12.71
C ILE A 94 -23.14 0.05 12.32
N ALA A 95 -23.31 -0.19 11.03
CA ALA A 95 -24.57 -0.66 10.48
C ALA A 95 -24.29 -1.37 9.16
N LEU A 96 -25.16 -2.31 8.84
CA LEU A 96 -25.10 -3.07 7.60
C LEU A 96 -26.40 -2.85 6.84
N LEU A 97 -26.27 -2.79 5.51
CA LEU A 97 -27.38 -2.47 4.62
C LEU A 97 -27.47 -3.59 3.61
N ARG A 98 -28.60 -4.29 3.59
CA ARG A 98 -28.81 -5.30 2.56
C ARG A 98 -29.41 -4.60 1.35
N LEU A 99 -28.83 -4.84 0.20
CA LEU A 99 -29.21 -4.14 -1.01
C LEU A 99 -30.39 -4.85 -1.64
N ALA A 100 -31.20 -4.06 -2.34
CA ALA A 100 -32.39 -4.61 -2.97
C ALA A 100 -32.03 -5.63 -4.03
N GLN A 101 -30.90 -5.44 -4.70
CA GLN A 101 -30.45 -6.31 -5.78
C GLN A 101 -28.96 -6.53 -5.59
N SER A 102 -28.43 -7.61 -6.14
CA SER A 102 -26.99 -7.79 -6.09
C SER A 102 -26.31 -6.99 -7.19
N VAL A 103 -25.14 -6.41 -6.89
CA VAL A 103 -24.37 -5.66 -7.85
C VAL A 103 -23.48 -6.64 -8.61
N THR A 104 -23.00 -6.19 -9.77
CA THR A 104 -22.08 -6.95 -10.61
C THR A 104 -20.67 -6.43 -10.36
N LEU A 105 -19.73 -7.35 -10.11
CA LEU A 105 -18.35 -6.98 -9.81
C LEU A 105 -17.53 -6.78 -11.08
N ASN A 106 -16.65 -5.79 -11.07
CA ASN A 106 -15.77 -5.52 -12.20
C ASN A 106 -14.55 -4.75 -11.67
N SER A 107 -13.68 -4.28 -12.56
CA SER A 107 -12.50 -3.56 -12.09
C SER A 107 -12.88 -2.32 -11.25
N TYR A 108 -14.12 -1.83 -11.35
CA TYR A 108 -14.55 -0.65 -10.61
C TYR A 108 -15.39 -0.95 -9.36
N VAL A 109 -15.78 -2.21 -9.16
CA VAL A 109 -16.67 -2.62 -8.08
C VAL A 109 -16.14 -3.94 -7.56
N GLN A 110 -15.70 -3.94 -6.29
CA GLN A 110 -15.16 -5.15 -5.67
C GLN A 110 -15.54 -5.12 -4.20
N LEU A 111 -15.50 -6.29 -3.59
CA LEU A 111 -15.70 -6.37 -2.15
C LEU A 111 -14.47 -5.85 -1.41
N GLY A 112 -14.73 -5.12 -0.31
CA GLY A 112 -13.65 -4.69 0.55
C GLY A 112 -13.31 -5.78 1.54
N VAL A 113 -12.00 -6.11 1.61
CA VAL A 113 -11.52 -7.11 2.55
C VAL A 113 -11.52 -6.51 3.94
N LEU A 114 -12.02 -7.27 4.90
CA LEU A 114 -12.01 -6.86 6.30
C LEU A 114 -10.91 -7.61 7.03
N PRO A 115 -10.44 -7.10 8.16
CA PRO A 115 -9.38 -7.79 8.90
C PRO A 115 -9.92 -8.96 9.71
N ARG A 116 -9.00 -9.81 10.17
CA ARG A 116 -9.35 -10.88 11.09
C ARG A 116 -9.79 -10.29 12.43
N ALA A 117 -10.74 -10.97 13.07
CA ALA A 117 -11.25 -10.54 14.36
C ALA A 117 -10.12 -10.26 15.34
N GLY A 118 -10.23 -9.13 16.03
CA GLY A 118 -9.28 -8.73 17.04
C GLY A 118 -8.03 -8.03 16.52
N THR A 119 -7.84 -7.91 15.21
CA THR A 119 -6.61 -7.31 14.71
C THR A 119 -6.47 -5.87 15.22
N ILE A 120 -5.29 -5.57 15.76
CA ILE A 120 -4.93 -4.23 16.22
C ILE A 120 -3.68 -3.84 15.47
N LEU A 121 -3.71 -2.71 14.76
CA LEU A 121 -2.56 -2.27 13.99
C LEU A 121 -1.51 -1.61 14.87
N ALA A 122 -0.24 -1.79 14.51
CA ALA A 122 0.82 -1.07 15.17
C ALA A 122 0.64 0.43 14.94
N ASN A 123 1.25 1.23 15.83
CA ASN A 123 1.17 2.67 15.73
C ASN A 123 1.76 3.17 14.42
N ASN A 124 1.16 4.23 13.87
CA ASN A 124 1.64 4.86 12.64
C ASN A 124 1.63 3.89 11.47
N SER A 125 0.64 2.97 11.44
CA SER A 125 0.49 2.07 10.31
C SER A 125 -0.07 2.85 9.12
N PRO A 126 0.38 2.54 7.89
CA PRO A 126 -0.03 3.36 6.74
C PRO A 126 -1.45 3.03 6.30
N CYS A 127 -2.27 4.08 6.20
CA CYS A 127 -3.63 3.94 5.76
C CYS A 127 -4.06 5.15 4.96
N TYR A 128 -5.10 4.93 4.14
CA TYR A 128 -5.74 5.97 3.38
C TYR A 128 -7.22 6.00 3.76
N ILE A 129 -7.72 7.20 3.93
CA ILE A 129 -9.15 7.49 4.00
C ILE A 129 -9.61 7.99 2.64
N THR A 130 -10.87 7.69 2.32
CA THR A 130 -11.43 8.05 1.04
C THR A 130 -12.88 8.48 1.22
N GLY A 131 -13.35 9.32 0.30
CA GLY A 131 -14.72 9.77 0.34
C GLY A 131 -14.92 11.06 -0.43
N TRP A 132 -16.17 11.52 -0.42
CA TRP A 132 -16.57 12.74 -1.10
C TRP A 132 -16.78 13.91 -0.13
N GLY A 133 -16.36 13.78 1.12
CA GLY A 133 -16.61 14.80 2.13
C GLY A 133 -15.99 16.14 1.84
N LEU A 134 -16.25 17.10 2.72
CA LEU A 134 -15.71 18.45 2.58
C LEU A 134 -14.19 18.37 2.44
N THR A 135 -13.68 19.27 1.62
CA THR A 135 -12.25 19.37 1.40
C THR A 135 -11.60 20.41 2.30
N ARG A 136 -12.40 21.11 3.11
CA ARG A 136 -11.90 21.93 4.21
C ARG A 136 -13.02 22.02 5.23
N THR A 137 -12.63 22.21 6.48
CA THR A 137 -13.61 22.48 7.52
C THR A 137 -14.55 23.57 7.01
N ASN A 138 -15.86 23.30 7.07
CA ASN A 138 -16.92 24.23 6.69
C ASN A 138 -16.91 24.58 5.21
N GLY A 139 -16.32 23.73 4.39
CA GLY A 139 -16.32 23.91 2.96
C GLY A 139 -17.42 23.15 2.29
N GLN A 140 -17.18 22.72 1.06
CA GLN A 140 -18.15 21.99 0.29
C GLN A 140 -17.65 20.59 -0.08
N LEU A 141 -18.61 19.72 -0.35
CA LEU A 141 -18.32 18.36 -0.78
C LEU A 141 -17.34 18.35 -1.94
N ALA A 142 -16.51 17.32 -1.96
CA ALA A 142 -15.74 17.00 -3.16
C ALA A 142 -16.63 16.32 -4.19
N GLN A 143 -16.59 16.84 -5.42
CA GLN A 143 -17.34 16.24 -6.52
C GLN A 143 -16.68 14.94 -6.97
N THR A 144 -15.35 14.85 -6.89
CA THR A 144 -14.65 13.63 -7.23
C THR A 144 -14.10 12.93 -5.99
N LEU A 145 -14.06 11.60 -6.04
CA LEU A 145 -13.60 10.85 -4.88
C LEU A 145 -12.19 11.26 -4.49
N GLN A 146 -12.02 11.60 -3.20
CA GLN A 146 -10.75 12.04 -2.66
C GLN A 146 -10.12 10.95 -1.79
N GLN A 147 -8.79 10.98 -1.69
CA GLN A 147 -8.04 10.12 -0.79
C GLN A 147 -7.00 10.95 -0.07
N ALA A 148 -6.71 10.56 1.18
CA ALA A 148 -5.63 11.17 1.94
C ALA A 148 -4.90 10.09 2.72
N TYR A 149 -3.57 10.20 2.76
CA TYR A 149 -2.77 9.37 3.66
C TYR A 149 -3.05 9.77 5.11
N LEU A 150 -3.39 8.76 5.92
CA LEU A 150 -3.87 8.99 7.29
C LEU A 150 -3.41 7.81 8.15
N PRO A 151 -2.17 7.88 8.65
CA PRO A 151 -1.66 6.77 9.47
C PRO A 151 -2.32 6.68 10.83
N THR A 152 -2.38 5.47 11.36
CA THR A 152 -3.03 5.22 12.65
C THR A 152 -2.30 5.88 13.81
N VAL A 153 -3.07 6.23 14.83
CA VAL A 153 -2.58 6.63 16.15
C VAL A 153 -3.06 5.59 17.14
N ASP A 154 -2.13 4.84 17.73
CA ASP A 154 -2.53 3.73 18.60
C ASP A 154 -3.34 4.24 19.81
N TYR A 155 -4.04 3.29 20.45
CA TYR A 155 -4.95 3.62 21.54
C TYR A 155 -4.26 4.32 22.69
N ALA A 156 -3.04 3.88 23.04
CA ALA A 156 -2.33 4.51 24.14
C ALA A 156 -2.12 5.99 23.89
N ILE A 157 -1.83 6.37 22.64
CA ILE A 157 -1.59 7.77 22.33
C ILE A 157 -2.89 8.51 22.19
N CYS A 158 -3.85 7.88 21.50
CA CYS A 158 -5.07 8.56 21.15
C CYS A 158 -5.96 8.82 22.36
N SER A 159 -5.85 7.99 23.39
CA SER A 159 -6.67 8.13 24.59
C SER A 159 -5.94 8.91 25.68
N SER A 160 -4.73 9.38 25.43
CA SER A 160 -4.09 10.32 26.35
C SER A 160 -4.82 11.67 26.32
N SER A 161 -4.69 12.42 27.41
CA SER A 161 -5.53 13.60 27.59
C SER A 161 -5.27 14.67 26.54
N SER A 162 -4.05 14.72 25.99
CA SER A 162 -3.78 15.69 24.94
C SER A 162 -4.48 15.35 23.63
N TYR A 163 -4.95 14.13 23.46
CA TYR A 163 -5.61 13.74 22.21
C TYR A 163 -7.12 13.70 22.47
N TRP A 164 -7.70 12.51 22.40
CA TRP A 164 -9.12 12.35 22.67
C TRP A 164 -9.44 11.96 24.11
N GLY A 165 -8.45 11.54 24.90
CA GLY A 165 -8.73 11.20 26.29
C GLY A 165 -9.71 10.05 26.40
N SER A 166 -10.61 10.14 27.38
CA SER A 166 -11.59 9.09 27.61
C SER A 166 -12.64 8.99 26.51
N THR A 167 -12.65 9.95 25.56
CA THR A 167 -13.64 9.92 24.47
C THR A 167 -13.42 8.75 23.54
N VAL A 168 -12.16 8.38 23.33
CA VAL A 168 -11.82 7.23 22.51
C VAL A 168 -11.94 5.96 23.36
N LYS A 169 -12.38 4.90 22.72
CA LYS A 169 -12.47 3.58 23.35
C LYS A 169 -11.66 2.60 22.52
N ASN A 170 -11.32 1.46 23.12
CA ASN A 170 -10.55 0.44 22.43
C ASN A 170 -11.30 -0.20 21.26
N SER A 171 -12.60 0.03 21.13
CA SER A 171 -13.37 -0.48 20.00
C SER A 171 -13.32 0.45 18.81
N MET A 172 -12.32 1.32 18.76
CA MET A 172 -12.16 2.33 17.73
C MET A 172 -10.72 2.36 17.23
N VAL A 173 -10.55 2.94 16.05
CA VAL A 173 -9.23 3.23 15.50
C VAL A 173 -9.18 4.73 15.24
N CYS A 174 -8.12 5.36 15.70
CA CYS A 174 -7.84 6.76 15.44
C CYS A 174 -6.82 6.82 14.31
N ALA A 175 -6.90 7.87 13.48
CA ALA A 175 -5.89 8.07 12.44
C ALA A 175 -5.70 9.54 12.11
N GLY A 176 -4.46 9.88 11.78
CA GLY A 176 -4.14 11.23 11.32
C GLY A 176 -3.67 12.12 12.48
N GLY A 177 -4.36 13.23 12.68
CA GLY A 177 -4.08 14.13 13.79
C GLY A 177 -2.99 15.15 13.58
N ASP A 178 -2.45 15.28 12.36
CA ASP A 178 -1.37 16.20 12.08
C ASP A 178 -1.81 17.60 11.71
N GLY A 179 -3.11 17.89 11.74
CA GLY A 179 -3.55 19.23 11.43
C GLY A 179 -3.59 19.58 9.97
N VAL A 180 -3.36 18.63 9.06
CA VAL A 180 -3.37 18.89 7.64
C VAL A 180 -4.34 18.00 6.89
N ARG A 181 -4.38 16.72 7.21
CA ARG A 181 -5.24 15.75 6.55
C ARG A 181 -6.23 15.21 7.57
N SER A 182 -7.47 15.01 7.14
CA SER A 182 -8.42 14.27 7.98
C SER A 182 -9.66 13.94 7.16
N GLY A 183 -10.53 13.14 7.76
CA GLY A 183 -11.90 13.03 7.31
C GLY A 183 -12.71 14.27 7.66
N CYS A 184 -13.84 14.44 6.99
CA CYS A 184 -14.63 15.66 7.17
C CYS A 184 -16.07 15.34 6.78
N GLN A 185 -16.96 16.30 7.03
CA GLN A 185 -18.38 16.03 6.84
C GLN A 185 -18.66 15.46 5.45
N GLY A 186 -19.43 14.38 5.42
CA GLY A 186 -19.70 13.67 4.19
C GLY A 186 -18.80 12.47 3.97
N ASP A 187 -17.76 12.33 4.77
CA ASP A 187 -16.91 11.15 4.68
C ASP A 187 -17.39 10.03 5.58
N SER A 188 -18.16 10.33 6.64
CA SER A 188 -18.47 9.32 7.64
C SER A 188 -19.22 8.13 7.05
N GLY A 189 -19.05 6.99 7.70
CA GLY A 189 -19.52 5.74 7.18
C GLY A 189 -18.56 5.08 6.22
N GLY A 190 -17.61 5.84 5.67
CA GLY A 190 -16.69 5.33 4.69
C GLY A 190 -15.52 4.59 5.32
N PRO A 191 -14.65 4.09 4.45
CA PRO A 191 -13.56 3.22 4.92
C PRO A 191 -12.28 3.96 5.27
N LEU A 192 -11.52 3.29 6.14
CA LEU A 192 -10.10 3.55 6.34
C LEU A 192 -9.38 2.31 5.80
N HIS A 193 -8.62 2.49 4.72
CA HIS A 193 -7.95 1.37 4.05
C HIS A 193 -6.53 1.30 4.59
N CYS A 194 -6.15 0.20 5.21
CA CYS A 194 -4.82 0.15 5.79
C CYS A 194 -4.03 -1.02 5.23
N LEU A 195 -2.77 -0.72 4.90
CA LEU A 195 -1.91 -1.53 4.08
C LEU A 195 -1.09 -2.41 5.00
N VAL A 196 -1.32 -3.72 4.89
CA VAL A 196 -0.75 -4.72 5.78
C VAL A 196 -0.37 -5.94 4.96
N ASN A 197 0.91 -6.31 5.02
CA ASN A 197 1.46 -7.44 4.29
C ASN A 197 1.21 -7.34 2.80
N GLY A 198 1.24 -6.11 2.30
CA GLY A 198 1.10 -5.86 0.90
C GLY A 198 -0.31 -5.65 0.41
N GLN A 199 -1.33 -5.93 1.22
CA GLN A 199 -2.70 -5.80 0.75
C GLN A 199 -3.54 -4.94 1.69
N TYR A 200 -4.50 -4.24 1.11
CA TYR A 200 -5.38 -3.35 1.83
C TYR A 200 -6.50 -4.11 2.51
N ALA A 201 -6.96 -3.57 3.63
CA ALA A 201 -8.17 -4.04 4.28
C ALA A 201 -8.81 -2.87 4.99
N VAL A 202 -10.14 -2.93 5.11
CA VAL A 202 -10.90 -1.83 5.68
C VAL A 202 -10.94 -2.01 7.19
N HIS A 203 -10.04 -1.30 7.90
CA HIS A 203 -9.93 -1.41 9.35
C HIS A 203 -10.87 -0.45 10.09
N GLY A 204 -11.40 0.57 9.42
CA GLY A 204 -12.23 1.55 10.11
C GLY A 204 -13.47 1.95 9.34
N VAL A 205 -14.49 2.37 10.12
CA VAL A 205 -15.69 3.02 9.62
C VAL A 205 -15.68 4.44 10.17
N THR A 206 -15.49 5.42 9.31
CA THR A 206 -15.39 6.81 9.78
C THR A 206 -16.56 7.18 10.66
N SER A 207 -16.27 7.70 11.87
CA SER A 207 -17.32 8.00 12.83
C SER A 207 -17.35 9.47 13.24
N PHE A 208 -16.28 9.99 13.85
CA PHE A 208 -16.38 11.35 14.37
C PHE A 208 -15.06 12.11 14.33
N VAL A 209 -15.20 13.43 14.51
CA VAL A 209 -14.11 14.38 14.53
C VAL A 209 -14.42 15.40 15.63
N SER A 210 -13.50 16.35 15.81
CA SER A 210 -13.66 17.40 16.80
C SER A 210 -14.71 18.41 16.36
N ARG A 211 -15.41 18.97 17.35
CA ARG A 211 -16.34 20.07 17.13
C ARG A 211 -15.62 21.33 16.68
N LEU A 212 -14.31 21.41 16.95
CA LEU A 212 -13.51 22.56 16.55
C LEU A 212 -13.18 22.54 15.08
N GLY A 213 -13.32 21.41 14.42
CA GLY A 213 -13.01 21.33 13.01
C GLY A 213 -12.49 19.96 12.64
N CYS A 214 -12.36 19.74 11.34
CA CYS A 214 -11.85 18.47 10.83
C CYS A 214 -10.37 18.25 11.08
N ASN A 215 -9.52 19.00 10.40
CA ASN A 215 -8.07 18.79 10.51
C ASN A 215 -7.52 19.57 11.70
N VAL A 216 -7.84 19.10 12.90
CA VAL A 216 -7.38 19.72 14.13
C VAL A 216 -6.23 18.89 14.70
N THR A 217 -5.08 19.53 14.92
CA THR A 217 -3.90 18.81 15.40
C THR A 217 -4.25 18.12 16.72
N ARG A 218 -3.81 16.87 16.85
CA ARG A 218 -4.03 16.01 18.01
C ARG A 218 -5.50 15.64 18.22
N LYS A 219 -6.35 15.89 17.25
CA LYS A 219 -7.73 15.38 17.21
C LYS A 219 -7.88 14.56 15.94
N PRO A 220 -7.26 13.38 15.88
CA PRO A 220 -7.30 12.56 14.67
C PRO A 220 -8.71 12.07 14.40
N THR A 221 -8.95 11.67 13.16
CA THR A 221 -10.27 11.17 12.81
C THR A 221 -10.49 9.84 13.51
N VAL A 222 -11.69 9.61 14.05
CA VAL A 222 -11.98 8.40 14.81
C VAL A 222 -12.94 7.49 14.03
N PHE A 223 -12.54 6.23 13.94
CA PHE A 223 -13.25 5.19 13.22
C PHE A 223 -13.64 4.04 14.15
N THR A 224 -14.84 3.54 13.91
CA THR A 224 -15.23 2.27 14.48
C THR A 224 -14.25 1.21 14.02
N ARG A 225 -13.74 0.42 14.97
CA ARG A 225 -12.73 -0.58 14.66
C ARG A 225 -13.45 -1.81 14.11
N VAL A 226 -13.37 -2.00 12.78
CA VAL A 226 -14.04 -3.12 12.13
C VAL A 226 -13.70 -4.46 12.77
N SER A 227 -12.43 -4.68 13.09
CA SER A 227 -12.02 -5.98 13.62
C SER A 227 -12.67 -6.31 14.94
N ALA A 228 -13.31 -5.35 15.58
CA ALA A 228 -14.04 -5.67 16.80
C ALA A 228 -15.45 -6.16 16.53
N TYR A 229 -15.93 -6.09 15.31
CA TYR A 229 -17.32 -6.44 14.99
C TYR A 229 -17.44 -7.58 13.99
N ILE A 230 -16.38 -8.37 13.80
CA ILE A 230 -16.39 -9.35 12.72
C ILE A 230 -17.45 -10.41 12.97
N SER A 231 -17.55 -10.94 14.19
CA SER A 231 -18.54 -11.97 14.48
C SER A 231 -19.96 -11.40 14.39
N TRP A 232 -20.19 -10.18 14.91
CA TRP A 232 -21.49 -9.54 14.71
C TRP A 232 -21.81 -9.42 13.23
N ILE A 233 -20.86 -8.91 12.43
CA ILE A 233 -21.12 -8.74 11.00
C ILE A 233 -21.54 -10.06 10.38
N ASN A 234 -20.70 -11.08 10.52
CA ASN A 234 -20.98 -12.36 9.87
C ASN A 234 -22.33 -12.91 10.28
N ASN A 235 -22.74 -12.70 11.53
CA ASN A 235 -24.02 -13.24 11.95
C ASN A 235 -25.21 -12.40 11.50
N VAL A 236 -25.02 -11.10 11.25
CA VAL A 236 -26.07 -10.33 10.58
C VAL A 236 -26.28 -10.87 9.16
N ILE A 237 -25.16 -11.04 8.45
CA ILE A 237 -25.20 -11.58 7.09
C ILE A 237 -25.85 -12.95 7.08
N ALA A 238 -25.46 -13.84 7.99
CA ALA A 238 -25.93 -15.21 7.95
C ALA A 238 -27.39 -15.32 8.36
N SER A 239 -27.88 -14.40 9.20
CA SER A 239 -29.26 -14.44 9.67
C SER A 239 -30.23 -13.69 8.75
N ASN A 240 -29.74 -12.96 7.76
CA ASN A 240 -30.60 -12.28 6.78
C ASN A 240 -30.22 -12.71 5.37
N VAL B 1 17.18 -5.77 4.67
CA VAL B 1 16.08 -4.92 5.07
C VAL B 1 16.08 -4.63 6.57
N VAL B 2 16.19 -3.35 6.90
CA VAL B 2 16.12 -2.88 8.28
C VAL B 2 14.68 -2.49 8.59
N GLY B 3 14.24 -2.83 9.81
CA GLY B 3 12.92 -2.44 10.26
C GLY B 3 11.78 -3.12 9.58
N GLY B 4 12.04 -4.23 8.89
CA GLY B 4 11.03 -4.98 8.19
C GLY B 4 10.50 -6.14 9.00
N THR B 5 9.85 -7.06 8.29
CA THR B 5 9.21 -8.24 8.85
C THR B 5 9.37 -9.38 7.86
N GLU B 6 9.27 -10.61 8.37
CA GLU B 6 9.26 -11.77 7.51
C GLU B 6 8.02 -11.77 6.63
N ALA B 7 8.22 -11.99 5.34
CA ALA B 7 7.09 -12.02 4.41
C ALA B 7 6.46 -13.41 4.39
N GLN B 8 5.16 -13.44 4.07
CA GLN B 8 4.53 -14.71 3.74
C GLN B 8 5.22 -15.31 2.52
N ARG B 9 5.33 -16.65 2.49
CA ARG B 9 6.17 -17.27 1.49
C ARG B 9 5.57 -17.19 0.08
N ASN B 10 4.38 -16.62 -0.07
CA ASN B 10 3.71 -16.50 -1.35
C ASN B 10 3.54 -15.07 -1.81
N SER B 11 4.03 -14.10 -1.04
CA SER B 11 3.67 -12.71 -1.30
C SER B 11 4.48 -12.09 -2.43
N TRP B 12 5.74 -12.46 -2.61
CA TRP B 12 6.62 -11.83 -3.59
C TRP B 12 7.25 -12.91 -4.45
N PRO B 13 6.46 -13.58 -5.30
CA PRO B 13 6.97 -14.76 -6.02
C PRO B 13 7.97 -14.43 -7.11
N SER B 14 8.23 -13.17 -7.44
CA SER B 14 9.23 -12.82 -8.44
C SER B 14 10.58 -12.47 -7.83
N GLN B 15 10.66 -12.38 -6.50
CA GLN B 15 11.95 -12.18 -5.85
C GLN B 15 12.84 -13.39 -6.07
N ILE B 16 14.12 -13.13 -6.34
CA ILE B 16 15.12 -14.17 -6.50
C ILE B 16 16.36 -13.81 -5.71
N SER B 17 17.10 -14.85 -5.34
CA SER B 17 18.39 -14.72 -4.68
C SER B 17 19.49 -14.95 -5.71
N LEU B 18 20.35 -13.95 -5.87
CA LEU B 18 21.51 -14.03 -6.72
C LEU B 18 22.69 -14.47 -5.87
N GLN B 19 23.32 -15.59 -6.26
CA GLN B 19 24.38 -16.20 -5.48
C GLN B 19 25.58 -16.44 -6.38
N TYR B 20 26.73 -16.65 -5.75
CA TYR B 20 27.96 -16.87 -6.49
C TYR B 20 28.82 -17.88 -5.74
N ARG B 21 29.63 -18.61 -6.52
CA ARG B 21 30.53 -19.62 -5.96
C ARG B 21 31.69 -18.95 -5.24
N SER B 22 31.94 -19.36 -3.98
CA SER B 22 33.05 -18.85 -3.18
C SER B 22 33.34 -19.90 -2.08
N GLY B 23 34.61 -20.02 -1.70
CA GLY B 23 34.91 -21.13 -0.79
C GLY B 23 34.64 -22.43 -1.53
N SER B 24 33.97 -23.38 -0.87
CA SER B 24 33.42 -24.54 -1.55
C SER B 24 31.89 -24.61 -1.44
N SER B 25 31.24 -23.45 -1.30
CA SER B 25 29.78 -23.35 -1.11
C SER B 25 29.23 -22.19 -1.96
N TRP B 26 27.95 -21.86 -1.76
CA TRP B 26 27.33 -20.73 -2.44
C TRP B 26 27.05 -19.61 -1.45
N ALA B 27 27.04 -18.37 -1.95
CA ALA B 27 26.89 -17.18 -1.11
C ALA B 27 25.92 -16.20 -1.73
N HIS B 28 24.80 -15.97 -1.06
CA HIS B 28 23.90 -14.90 -1.49
C HIS B 28 24.66 -13.58 -1.52
N THR B 29 24.48 -12.82 -2.57
CA THR B 29 25.07 -11.50 -2.69
C THR B 29 24.05 -10.45 -3.03
N CYS B 30 23.07 -10.78 -3.85
CA CYS B 30 22.12 -9.79 -4.30
C CYS B 30 20.74 -10.39 -4.43
N GLY B 31 19.77 -9.48 -4.50
CA GLY B 31 18.43 -9.82 -4.95
C GLY B 31 18.25 -9.57 -6.44
N GLY B 32 17.03 -9.78 -6.88
CA GLY B 32 16.71 -9.65 -8.30
C GLY B 32 15.23 -9.94 -8.49
N THR B 33 14.76 -9.61 -9.69
CA THR B 33 13.38 -9.81 -10.10
C THR B 33 13.36 -10.71 -11.32
N LEU B 34 12.52 -11.72 -11.29
CA LEU B 34 12.28 -12.57 -12.46
C LEU B 34 11.28 -11.87 -13.37
N ILE B 35 11.71 -11.53 -14.58
CA ILE B 35 10.88 -10.79 -15.51
C ILE B 35 10.44 -11.62 -16.72
N ARG B 36 11.20 -12.63 -17.10
CA ARG B 36 10.77 -13.68 -18.00
C ARG B 36 11.21 -15.00 -17.37
N GLN B 37 10.68 -16.10 -17.90
CA GLN B 37 10.99 -17.41 -17.32
C GLN B 37 12.48 -17.71 -17.37
N ASN B 38 13.24 -17.03 -18.23
CA ASN B 38 14.68 -17.24 -18.35
C ASN B 38 15.44 -15.92 -18.36
N TRP B 39 14.89 -14.89 -17.73
CA TRP B 39 15.59 -13.62 -17.60
C TRP B 39 15.34 -13.04 -16.21
N VAL B 40 16.38 -12.46 -15.63
CA VAL B 40 16.31 -11.84 -14.32
C VAL B 40 16.79 -10.39 -14.44
N MET B 41 16.17 -9.51 -13.64
CA MET B 41 16.51 -8.10 -13.58
C MET B 41 17.22 -7.82 -12.26
N THR B 42 18.35 -7.13 -12.33
CA THR B 42 19.13 -6.90 -11.11
C THR B 42 19.96 -5.63 -11.30
N ALA B 43 20.86 -5.37 -10.34
CA ALA B 43 21.74 -4.20 -10.37
C ALA B 43 23.03 -4.50 -11.14
N ALA B 44 23.47 -3.53 -11.95
CA ALA B 44 24.75 -3.72 -12.64
C ALA B 44 25.88 -3.97 -11.66
N HIS B 45 25.90 -3.26 -10.53
CA HIS B 45 27.03 -3.41 -9.61
C HIS B 45 27.15 -4.83 -9.09
N CYS B 46 26.05 -5.60 -9.09
CA CYS B 46 26.05 -6.95 -8.57
C CYS B 46 26.82 -7.93 -9.45
N VAL B 47 27.08 -7.56 -10.70
CA VAL B 47 27.68 -8.49 -11.64
C VAL B 47 28.84 -7.78 -12.32
N ASP B 48 29.43 -6.81 -11.63
CA ASP B 48 30.65 -6.17 -12.10
C ASP B 48 31.71 -7.20 -12.46
N ARG B 49 32.00 -8.11 -11.54
CA ARG B 49 33.13 -9.02 -11.66
C ARG B 49 32.73 -10.33 -12.33
N GLU B 50 33.66 -10.89 -13.08
CA GLU B 50 33.48 -12.18 -13.74
C GLU B 50 33.44 -13.28 -12.66
N LEU B 51 32.25 -13.60 -12.19
CA LEU B 51 32.08 -14.67 -11.21
C LEU B 51 31.15 -15.74 -11.77
N THR B 52 31.11 -16.86 -11.08
CA THR B 52 30.20 -17.95 -11.39
C THR B 52 28.96 -17.76 -10.55
N PHE B 53 27.88 -17.32 -11.19
CA PHE B 53 26.64 -16.95 -10.53
C PHE B 53 25.57 -18.02 -10.68
N ARG B 54 24.51 -17.89 -9.89
CA ARG B 54 23.31 -18.70 -10.03
C ARG B 54 22.14 -17.92 -9.44
N VAL B 55 20.94 -18.33 -9.81
CA VAL B 55 19.73 -17.68 -9.33
C VAL B 55 18.91 -18.73 -8.59
N VAL B 56 18.19 -18.30 -7.54
CA VAL B 56 17.27 -19.14 -6.80
C VAL B 56 15.88 -18.52 -6.83
N VAL B 57 14.89 -19.32 -7.28
CA VAL B 57 13.50 -18.92 -7.38
C VAL B 57 12.69 -19.74 -6.37
N GLY B 58 11.58 -19.18 -5.92
CA GLY B 58 10.85 -19.84 -4.86
C GLY B 58 11.67 -19.96 -3.60
N GLU B 59 12.55 -19.00 -3.35
CA GLU B 59 13.40 -19.00 -2.16
C GLU B 59 12.70 -18.24 -1.03
N HIS B 60 12.79 -18.79 0.17
CA HIS B 60 12.29 -18.08 1.34
C HIS B 60 13.30 -18.01 2.47
N ASN B 61 13.95 -19.13 2.80
CA ASN B 61 15.01 -19.19 3.81
C ASN B 61 16.30 -19.62 3.12
N LEU B 62 17.35 -18.81 3.28
CA LEU B 62 18.62 -19.05 2.60
C LEU B 62 19.42 -20.19 3.20
N ASN B 63 19.03 -20.71 4.35
CA ASN B 63 19.80 -21.76 5.00
C ASN B 63 18.96 -22.98 5.36
N GLN B 64 17.70 -23.01 4.92
CA GLN B 64 16.82 -24.15 5.07
C GLN B 64 16.30 -24.53 3.69
N ASN B 65 15.88 -25.79 3.53
CA ASN B 65 15.25 -26.24 2.30
C ASN B 65 13.73 -26.09 2.46
N ASP B 66 13.17 -25.08 1.80
CA ASP B 66 11.74 -24.84 1.86
C ASP B 66 10.93 -25.83 1.03
N GLY B 67 11.59 -26.55 0.12
CA GLY B 67 10.91 -27.43 -0.82
C GLY B 67 10.31 -26.73 -2.02
N THR B 68 10.49 -25.40 -2.15
CA THR B 68 9.86 -24.63 -3.21
C THR B 68 10.87 -23.99 -4.15
N GLU B 69 12.14 -24.34 -4.04
CA GLU B 69 13.20 -23.62 -4.73
C GLU B 69 13.60 -24.33 -6.02
N GLN B 70 13.91 -23.54 -7.03
CA GLN B 70 14.63 -24.02 -8.21
C GLN B 70 15.95 -23.26 -8.29
N TYR B 71 17.00 -23.96 -8.67
CA TYR B 71 18.34 -23.41 -8.78
C TYR B 71 18.77 -23.49 -10.23
N VAL B 72 19.03 -22.33 -10.85
CA VAL B 72 19.45 -22.24 -12.24
C VAL B 72 20.69 -21.38 -12.34
N GLY B 73 21.60 -21.78 -13.24
CA GLY B 73 22.80 -21.00 -13.44
C GLY B 73 22.57 -19.82 -14.35
N VAL B 74 23.46 -18.84 -14.23
CA VAL B 74 23.42 -17.65 -15.07
C VAL B 74 24.31 -17.90 -16.28
N GLN B 75 23.69 -17.95 -17.45
CA GLN B 75 24.40 -18.28 -18.68
C GLN B 75 24.93 -17.04 -19.40
N LYS B 76 24.23 -15.91 -19.29
CA LYS B 76 24.67 -14.69 -19.95
C LYS B 76 24.29 -13.48 -19.09
N ILE B 77 25.21 -12.54 -19.02
CA ILE B 77 25.03 -11.29 -18.29
C ILE B 77 25.13 -10.14 -19.27
N VAL B 78 24.14 -9.26 -19.25
CA VAL B 78 24.12 -8.07 -20.08
C VAL B 78 24.03 -6.89 -19.15
N VAL B 79 25.12 -6.16 -18.99
CA VAL B 79 25.15 -4.95 -18.19
C VAL B 79 24.77 -3.79 -19.09
N HIS B 80 24.17 -2.76 -18.49
CA HIS B 80 23.81 -1.58 -19.25
C HIS B 80 25.06 -0.90 -19.80
N PRO B 81 25.11 -0.57 -21.09
CA PRO B 81 26.38 -0.10 -21.69
C PRO B 81 27.01 1.12 -21.01
N TYR B 82 26.21 2.06 -20.46
CA TYR B 82 26.77 3.27 -19.87
C TYR B 82 27.04 3.17 -18.37
N TRP B 83 26.86 1.99 -17.78
CA TRP B 83 27.09 1.80 -16.35
C TRP B 83 28.56 2.03 -15.99
N ASN B 84 28.80 2.77 -14.91
CA ASN B 84 30.14 3.14 -14.45
C ASN B 84 30.27 2.79 -12.97
N THR B 85 31.06 1.74 -12.66
CA THR B 85 31.19 1.28 -11.28
C THR B 85 31.66 2.39 -10.34
N ASP B 86 32.45 3.34 -10.85
CA ASP B 86 33.05 4.35 -9.98
C ASP B 86 32.18 5.59 -9.86
N ASP B 87 30.99 5.60 -10.44
CA ASP B 87 30.06 6.73 -10.36
C ASP B 87 28.64 6.18 -10.39
N VAL B 88 28.22 5.57 -9.28
CA VAL B 88 26.87 5.03 -9.18
C VAL B 88 25.84 6.15 -9.19
N ALA B 89 26.19 7.34 -8.71
CA ALA B 89 25.28 8.46 -8.70
C ALA B 89 24.97 8.97 -10.11
N ALA B 90 25.64 8.46 -11.13
CA ALA B 90 25.32 8.77 -12.52
C ALA B 90 24.19 7.91 -13.06
N GLY B 91 23.88 6.79 -12.39
CA GLY B 91 22.80 5.93 -12.77
C GLY B 91 23.21 4.72 -13.59
N TYR B 92 22.28 4.22 -14.40
CA TYR B 92 22.49 3.08 -15.27
C TYR B 92 22.76 1.79 -14.51
N ASP B 93 22.30 1.72 -13.26
CA ASP B 93 22.61 0.61 -12.36
C ASP B 93 21.58 -0.50 -12.57
N ILE B 94 21.74 -1.20 -13.70
CA ILE B 94 20.81 -2.25 -14.07
C ILE B 94 21.54 -3.21 -14.99
N ALA B 95 21.19 -4.50 -14.88
CA ALA B 95 21.72 -5.55 -15.73
C ALA B 95 20.68 -6.66 -15.86
N LEU B 96 20.78 -7.42 -16.96
CA LEU B 96 19.88 -8.54 -17.22
C LEU B 96 20.64 -9.86 -17.28
N LEU B 97 20.08 -10.89 -16.66
CA LEU B 97 20.70 -12.21 -16.58
C LEU B 97 19.83 -13.21 -17.33
N ARG B 98 20.39 -13.83 -18.35
CA ARG B 98 19.74 -14.94 -19.04
C ARG B 98 20.10 -16.22 -18.29
N LEU B 99 19.07 -16.97 -17.88
CA LEU B 99 19.28 -18.21 -17.16
C LEU B 99 19.58 -19.35 -18.13
N ALA B 100 20.40 -20.29 -17.67
CA ALA B 100 20.74 -21.43 -18.51
C ALA B 100 19.52 -22.25 -18.90
N GLN B 101 18.45 -22.18 -18.12
CA GLN B 101 17.21 -22.88 -18.41
C GLN B 101 16.06 -21.99 -17.99
N SER B 102 14.87 -22.29 -18.48
CA SER B 102 13.68 -21.55 -18.07
C SER B 102 13.05 -22.23 -16.86
N VAL B 103 12.80 -21.45 -15.82
CA VAL B 103 12.17 -22.00 -14.62
C VAL B 103 10.68 -22.22 -14.88
N THR B 104 10.08 -23.04 -14.03
CA THR B 104 8.66 -23.36 -14.09
C THR B 104 7.91 -22.51 -13.07
N LEU B 105 6.72 -22.05 -13.46
CA LEU B 105 5.96 -21.13 -12.64
C LEU B 105 4.96 -21.87 -11.76
N ASN B 106 4.62 -21.26 -10.63
CA ASN B 106 3.75 -21.85 -9.61
C ASN B 106 3.47 -20.79 -8.56
N SER B 107 2.86 -21.21 -7.45
CA SER B 107 2.43 -20.26 -6.41
C SER B 107 3.59 -19.43 -5.89
N TYR B 108 4.81 -19.93 -5.98
CA TYR B 108 5.98 -19.30 -5.37
C TYR B 108 6.97 -18.77 -6.39
N VAL B 109 6.67 -18.91 -7.69
CA VAL B 109 7.56 -18.47 -8.76
C VAL B 109 6.72 -17.86 -9.88
N GLN B 110 6.71 -16.53 -9.96
CA GLN B 110 5.95 -15.80 -10.96
C GLN B 110 6.80 -14.66 -11.51
N LEU B 111 6.40 -14.15 -12.66
CA LEU B 111 7.13 -13.06 -13.30
C LEU B 111 6.73 -11.72 -12.70
N GLY B 112 7.73 -10.90 -12.40
CA GLY B 112 7.46 -9.58 -11.85
C GLY B 112 6.98 -8.66 -12.95
N VAL B 113 5.87 -7.96 -12.69
CA VAL B 113 5.30 -7.03 -13.65
C VAL B 113 6.08 -5.73 -13.59
N LEU B 114 6.36 -5.15 -14.75
CA LEU B 114 7.09 -3.91 -14.85
C LEU B 114 6.18 -2.78 -15.30
N PRO B 115 6.43 -1.56 -14.85
CA PRO B 115 5.58 -0.43 -15.25
C PRO B 115 5.77 -0.10 -16.72
N ARG B 116 4.86 0.72 -17.23
CA ARG B 116 4.99 1.19 -18.60
C ARG B 116 6.06 2.26 -18.69
N ALA B 117 6.70 2.33 -19.85
CA ALA B 117 7.81 3.25 -20.06
C ALA B 117 7.43 4.67 -19.67
N GLY B 118 8.27 5.28 -18.83
CA GLY B 118 8.16 6.68 -18.45
C GLY B 118 7.31 6.97 -17.22
N THR B 119 6.80 5.95 -16.55
CA THR B 119 5.90 6.17 -15.44
C THR B 119 6.62 6.77 -14.24
N ILE B 120 6.09 7.86 -13.71
CA ILE B 120 6.63 8.52 -12.54
C ILE B 120 5.60 8.39 -11.41
N LEU B 121 6.04 7.92 -10.26
CA LEU B 121 5.16 7.76 -9.11
C LEU B 121 4.93 9.10 -8.42
N ALA B 122 3.70 9.28 -7.94
CA ALA B 122 3.41 10.41 -7.07
C ALA B 122 4.16 10.28 -5.76
N ASN B 123 4.30 11.41 -5.07
CA ASN B 123 5.05 11.44 -3.82
C ASN B 123 4.37 10.58 -2.77
N ASN B 124 5.18 9.89 -1.98
CA ASN B 124 4.69 9.06 -0.90
C ASN B 124 3.79 7.93 -1.40
N SER B 125 4.11 7.39 -2.57
CA SER B 125 3.37 6.23 -3.06
C SER B 125 3.67 5.02 -2.19
N PRO B 126 2.67 4.15 -1.97
CA PRO B 126 2.90 2.96 -1.13
C PRO B 126 3.70 1.91 -1.88
N CYS B 127 4.89 1.59 -1.33
CA CYS B 127 5.75 0.55 -1.89
C CYS B 127 6.28 -0.33 -0.76
N TYR B 128 6.71 -1.54 -1.13
CA TYR B 128 7.43 -2.43 -0.23
C TYR B 128 8.78 -2.77 -0.85
N ILE B 129 9.82 -2.76 -0.05
CA ILE B 129 11.10 -3.35 -0.45
C ILE B 129 11.16 -4.76 0.11
N THR B 130 11.67 -5.69 -0.70
CA THR B 130 11.91 -7.07 -0.26
C THR B 130 13.37 -7.44 -0.49
N GLY B 131 13.88 -8.35 0.33
CA GLY B 131 15.24 -8.80 0.25
C GLY B 131 15.70 -9.55 1.48
N TRP B 132 16.86 -10.21 1.33
CA TRP B 132 17.52 -10.95 2.40
C TRP B 132 18.67 -10.18 3.03
N GLY B 133 18.68 -8.87 2.83
CA GLY B 133 19.80 -8.05 3.25
C GLY B 133 19.88 -7.89 4.76
N LEU B 134 20.95 -7.25 5.19
CA LEU B 134 21.17 -7.01 6.60
C LEU B 134 19.90 -6.44 7.22
N THR B 135 19.66 -6.79 8.48
CA THR B 135 18.49 -6.31 9.21
C THR B 135 18.85 -5.18 10.18
N ARG B 136 20.11 -4.76 10.18
CA ARG B 136 20.57 -3.60 10.92
C ARG B 136 21.80 -3.07 10.19
N THR B 137 22.01 -1.77 10.25
CA THR B 137 23.27 -1.22 9.76
C THR B 137 24.44 -1.96 10.39
N ASN B 138 25.35 -2.44 9.54
CA ASN B 138 26.52 -3.20 10.01
C ASN B 138 26.10 -4.39 10.86
N GLY B 139 24.96 -5.00 10.52
CA GLY B 139 24.49 -6.19 11.21
C GLY B 139 24.74 -7.48 10.46
N GLN B 140 23.74 -8.34 10.35
CA GLN B 140 23.94 -9.58 9.64
C GLN B 140 22.74 -9.84 8.74
N LEU B 141 22.99 -10.60 7.68
CA LEU B 141 21.97 -10.98 6.74
C LEU B 141 20.74 -11.52 7.44
N ALA B 142 19.64 -11.52 6.72
CA ALA B 142 18.43 -12.19 7.17
C ALA B 142 18.48 -13.63 6.67
N GLN B 143 17.88 -14.53 7.45
CA GLN B 143 17.68 -15.90 6.99
C GLN B 143 16.42 -15.99 6.14
N THR B 144 15.34 -15.38 6.57
CA THR B 144 14.09 -15.40 5.82
C THR B 144 13.82 -14.08 5.11
N LEU B 145 13.19 -14.20 3.94
CA LEU B 145 12.85 -13.03 3.13
C LEU B 145 12.05 -12.02 3.96
N GLN B 146 12.58 -10.79 3.98
CA GLN B 146 12.01 -9.65 4.72
C GLN B 146 11.33 -8.65 3.80
N GLN B 147 10.34 -7.95 4.32
CA GLN B 147 9.64 -6.90 3.59
C GLN B 147 9.57 -5.67 4.47
N ALA B 148 9.37 -4.50 3.84
CA ALA B 148 9.13 -3.30 4.61
C ALA B 148 8.38 -2.26 3.79
N TYR B 149 7.44 -1.58 4.44
CA TYR B 149 6.76 -0.45 3.82
C TYR B 149 7.77 0.66 3.60
N LEU B 150 7.89 1.10 2.35
CA LEU B 150 8.93 2.05 1.93
C LEU B 150 8.32 2.97 0.91
N PRO B 151 7.64 4.03 1.32
CA PRO B 151 6.96 4.92 0.40
C PRO B 151 7.91 5.86 -0.32
N THR B 152 7.51 6.26 -1.53
CA THR B 152 8.38 7.04 -2.40
C THR B 152 8.57 8.47 -1.89
N VAL B 153 9.70 9.04 -2.29
CA VAL B 153 10.05 10.43 -2.08
C VAL B 153 10.32 10.99 -3.47
N ASP B 154 9.45 11.90 -3.93
CA ASP B 154 9.55 12.35 -5.32
C ASP B 154 10.84 13.12 -5.55
N TYR B 155 11.14 13.33 -6.84
CA TYR B 155 12.43 13.89 -7.21
C TYR B 155 12.64 15.25 -6.57
N ALA B 156 11.60 16.09 -6.53
CA ALA B 156 11.77 17.44 -5.99
C ALA B 156 12.31 17.38 -4.55
N ILE B 157 11.75 16.51 -3.72
CA ILE B 157 12.20 16.42 -2.33
C ILE B 157 13.54 15.70 -2.24
N CYS B 158 13.65 14.56 -2.93
CA CYS B 158 14.86 13.74 -2.85
C CYS B 158 16.08 14.49 -3.33
N SER B 159 15.93 15.37 -4.32
CA SER B 159 17.06 16.16 -4.79
C SER B 159 17.26 17.43 -3.98
N SER B 160 16.45 17.67 -2.94
CA SER B 160 16.70 18.82 -2.08
C SER B 160 18.01 18.67 -1.30
N SER B 161 18.56 19.81 -0.88
CA SER B 161 19.83 19.83 -0.17
C SER B 161 19.82 18.91 1.04
N SER B 162 18.73 18.93 1.82
CA SER B 162 18.66 18.16 3.06
C SER B 162 18.58 16.65 2.81
N TYR B 163 18.24 16.23 1.59
CA TYR B 163 18.15 14.81 1.23
C TYR B 163 19.43 14.40 0.49
N TRP B 164 19.32 14.01 -0.77
CA TRP B 164 20.46 13.52 -1.55
C TRP B 164 21.08 14.56 -2.46
N GLY B 165 20.41 15.70 -2.63
CA GLY B 165 20.95 16.74 -3.48
C GLY B 165 21.16 16.25 -4.90
N SER B 166 22.23 16.76 -5.51
CA SER B 166 22.53 16.44 -6.90
C SER B 166 22.82 14.96 -7.09
N THR B 167 23.02 14.20 -6.02
CA THR B 167 23.30 12.78 -6.18
C THR B 167 22.15 12.04 -6.86
N VAL B 168 20.92 12.43 -6.57
CA VAL B 168 19.78 11.73 -7.15
C VAL B 168 19.49 12.29 -8.54
N LYS B 169 19.22 11.38 -9.49
CA LYS B 169 18.86 11.75 -10.85
C LYS B 169 17.40 11.40 -11.11
N ASN B 170 16.90 11.90 -12.25
CA ASN B 170 15.53 11.58 -12.65
C ASN B 170 15.36 10.15 -13.11
N SER B 171 16.45 9.45 -13.42
CA SER B 171 16.43 8.03 -13.72
C SER B 171 16.36 7.14 -12.48
N MET B 172 16.14 7.69 -11.29
CA MET B 172 16.09 6.87 -10.09
C MET B 172 14.79 7.10 -9.35
N VAL B 173 14.57 6.24 -8.36
CA VAL B 173 13.44 6.33 -7.46
C VAL B 173 13.98 6.27 -6.04
N CYS B 174 13.45 7.12 -5.18
CA CYS B 174 13.82 7.15 -3.78
C CYS B 174 12.62 6.69 -2.97
N ALA B 175 12.90 6.09 -1.82
CA ALA B 175 11.80 5.61 -0.98
C ALA B 175 12.30 5.45 0.45
N GLY B 176 11.45 5.82 1.40
CA GLY B 176 11.76 5.67 2.80
C GLY B 176 12.30 6.94 3.42
N GLY B 177 13.48 6.84 4.01
CA GLY B 177 14.13 8.01 4.55
C GLY B 177 13.58 8.48 5.88
N ASP B 178 12.79 7.65 6.56
CA ASP B 178 12.22 8.00 7.85
C ASP B 178 13.12 7.66 9.02
N GLY B 179 14.27 7.03 8.76
CA GLY B 179 15.22 6.70 9.80
C GLY B 179 14.93 5.41 10.54
N VAL B 180 14.05 4.57 10.01
CA VAL B 180 13.72 3.31 10.68
C VAL B 180 13.76 2.16 9.67
N ARG B 181 13.16 2.34 8.51
CA ARG B 181 13.07 1.31 7.48
C ARG B 181 13.90 1.72 6.28
N SER B 182 14.56 0.74 5.66
CA SER B 182 15.39 1.02 4.49
C SER B 182 15.95 -0.30 3.99
N GLY B 183 16.51 -0.25 2.78
CA GLY B 183 17.32 -1.35 2.32
C GLY B 183 18.67 -1.33 3.00
N CYS B 184 19.40 -2.42 2.79
CA CYS B 184 20.71 -2.56 3.40
C CYS B 184 21.47 -3.59 2.58
N GLN B 185 22.72 -3.82 2.96
CA GLN B 185 23.59 -4.68 2.17
C GLN B 185 23.02 -6.08 2.04
N GLY B 186 23.05 -6.61 0.82
CA GLY B 186 22.41 -7.86 0.49
C GLY B 186 21.05 -7.70 -0.14
N ASP B 187 20.45 -6.51 -0.07
CA ASP B 187 19.18 -6.24 -0.73
C ASP B 187 19.36 -5.70 -2.14
N SER B 188 20.56 -5.23 -2.50
CA SER B 188 20.72 -4.50 -3.75
C SER B 188 20.42 -5.42 -4.92
N GLY B 189 20.05 -4.81 -6.05
CA GLY B 189 19.58 -5.51 -7.22
C GLY B 189 18.15 -5.98 -7.15
N GLY B 190 17.56 -5.98 -5.97
CA GLY B 190 16.21 -6.47 -5.81
C GLY B 190 15.16 -5.42 -6.08
N PRO B 191 13.89 -5.84 -5.97
CA PRO B 191 12.77 -4.97 -6.38
C PRO B 191 12.31 -4.00 -5.32
N LEU B 192 11.66 -2.96 -5.81
CA LEU B 192 10.75 -2.12 -5.04
C LEU B 192 9.37 -2.31 -5.68
N HIS B 193 8.43 -2.91 -4.93
CA HIS B 193 7.08 -3.16 -5.40
C HIS B 193 6.17 -1.99 -5.05
N CYS B 194 5.55 -1.37 -6.06
CA CYS B 194 4.73 -0.18 -5.82
C CYS B 194 3.32 -0.33 -6.37
N LEU B 195 2.36 0.20 -5.61
CA LEU B 195 0.96 0.19 -5.99
C LEU B 195 0.60 1.48 -6.71
N VAL B 196 -0.07 1.35 -7.85
CA VAL B 196 -0.66 2.48 -8.56
C VAL B 196 -2.02 2.03 -9.05
N ASN B 197 -3.07 2.73 -8.62
CA ASN B 197 -4.43 2.42 -9.07
C ASN B 197 -4.74 0.94 -8.91
N GLY B 198 -4.43 0.39 -7.72
CA GLY B 198 -4.78 -0.97 -7.36
C GLY B 198 -3.93 -2.08 -7.96
N GLN B 199 -2.81 -1.75 -8.62
CA GLN B 199 -1.98 -2.72 -9.31
C GLN B 199 -0.53 -2.61 -8.88
N TYR B 200 0.13 -3.76 -8.76
CA TYR B 200 1.53 -3.79 -8.39
C TYR B 200 2.42 -3.82 -9.63
N ALA B 201 3.62 -3.29 -9.47
CA ALA B 201 4.64 -3.35 -10.50
C ALA B 201 5.97 -3.11 -9.82
N VAL B 202 7.04 -3.71 -10.37
CA VAL B 202 8.39 -3.51 -9.87
C VAL B 202 8.92 -2.22 -10.46
N HIS B 203 8.96 -1.17 -9.65
CA HIS B 203 9.35 0.15 -10.11
C HIS B 203 10.81 0.47 -9.86
N GLY B 204 11.49 -0.31 -9.03
CA GLY B 204 12.86 -0.01 -8.63
C GLY B 204 13.76 -1.21 -8.60
N VAL B 205 15.03 -0.96 -8.92
CA VAL B 205 16.11 -1.93 -8.69
C VAL B 205 17.00 -1.31 -7.64
N THR B 206 17.02 -1.91 -6.45
CA THR B 206 17.78 -1.37 -5.33
C THR B 206 19.21 -1.14 -5.73
N SER B 207 19.66 0.12 -5.63
CA SER B 207 20.97 0.55 -6.08
C SER B 207 21.89 0.95 -4.96
N PHE B 208 21.55 1.97 -4.17
CA PHE B 208 22.48 2.45 -3.17
C PHE B 208 21.80 3.15 -2.00
N VAL B 209 22.61 3.37 -0.96
CA VAL B 209 22.24 3.93 0.33
C VAL B 209 23.35 4.88 0.79
N SER B 210 23.14 5.49 1.95
CA SER B 210 24.13 6.41 2.49
C SER B 210 25.33 5.68 3.05
N ARG B 211 26.52 6.26 2.87
CA ARG B 211 27.72 5.70 3.49
C ARG B 211 27.79 6.01 5.00
N LEU B 212 26.77 6.67 5.55
CA LEU B 212 26.68 6.90 7.00
C LEU B 212 25.74 5.93 7.70
N GLY B 213 25.02 5.09 6.97
CA GLY B 213 24.08 4.15 7.53
C GLY B 213 22.96 3.81 6.56
N CYS B 214 22.41 2.59 6.72
CA CYS B 214 21.31 2.16 5.86
C CYS B 214 20.07 3.02 6.11
N ASN B 215 19.53 2.93 7.34
CA ASN B 215 18.35 3.69 7.77
C ASN B 215 18.79 5.00 8.43
N VAL B 216 19.12 5.96 7.58
CA VAL B 216 19.50 7.30 7.99
C VAL B 216 18.39 8.25 7.56
N THR B 217 17.90 9.08 8.50
CA THR B 217 16.78 9.94 8.17
C THR B 217 17.17 10.94 7.08
N ARG B 218 16.28 11.11 6.11
CA ARG B 218 16.47 11.97 4.95
C ARG B 218 17.57 11.48 4.02
N LYS B 219 17.92 10.18 4.08
CA LYS B 219 18.78 9.53 3.09
C LYS B 219 18.07 8.27 2.63
N PRO B 220 16.94 8.44 1.94
CA PRO B 220 16.14 7.28 1.58
C PRO B 220 16.94 6.33 0.70
N THR B 221 16.46 5.09 0.64
CA THR B 221 17.07 4.12 -0.26
C THR B 221 16.89 4.60 -1.69
N VAL B 222 17.88 4.37 -2.53
CA VAL B 222 17.80 4.80 -3.93
C VAL B 222 17.82 3.60 -4.86
N PHE B 223 16.95 3.68 -5.87
CA PHE B 223 16.63 2.61 -6.79
C PHE B 223 16.80 3.09 -8.22
N THR B 224 17.19 2.18 -9.10
CA THR B 224 17.10 2.46 -10.52
C THR B 224 15.64 2.47 -10.95
N ARG B 225 15.22 3.52 -11.66
CA ARG B 225 13.83 3.64 -12.09
C ARG B 225 13.62 2.71 -13.28
N VAL B 226 12.95 1.59 -13.02
CA VAL B 226 12.75 0.58 -14.06
C VAL B 226 12.05 1.19 -15.25
N SER B 227 11.08 2.10 -15.03
CA SER B 227 10.30 2.65 -16.12
C SER B 227 11.14 3.49 -17.07
N ALA B 228 12.38 3.77 -16.72
CA ALA B 228 13.31 4.51 -17.57
C ALA B 228 14.06 3.61 -18.54
N TYR B 229 13.98 2.29 -18.40
CA TYR B 229 14.78 1.38 -19.22
C TYR B 229 13.92 0.37 -19.99
N ILE B 230 12.62 0.60 -20.04
CA ILE B 230 11.71 -0.39 -20.61
C ILE B 230 12.15 -0.77 -22.01
N SER B 231 12.40 0.24 -22.85
CA SER B 231 12.77 -0.06 -24.23
C SER B 231 14.08 -0.83 -24.27
N TRP B 232 14.99 -0.54 -23.35
CA TRP B 232 16.29 -1.21 -23.36
C TRP B 232 16.15 -2.68 -22.97
N ILE B 233 15.40 -2.94 -21.91
CA ILE B 233 15.13 -4.31 -21.48
C ILE B 233 14.53 -5.12 -22.64
N ASN B 234 13.51 -4.56 -23.30
CA ASN B 234 12.82 -5.33 -24.31
C ASN B 234 13.74 -5.68 -25.47
N ASN B 235 14.61 -4.74 -25.87
CA ASN B 235 15.49 -5.03 -27.00
C ASN B 235 16.63 -5.95 -26.60
N VAL B 236 17.10 -5.91 -25.35
CA VAL B 236 18.09 -6.88 -24.91
C VAL B 236 17.51 -8.29 -24.98
N ILE B 237 16.26 -8.44 -24.51
CA ILE B 237 15.66 -9.77 -24.47
C ILE B 237 15.42 -10.29 -25.89
N ALA B 238 14.82 -9.46 -26.75
CA ALA B 238 14.56 -9.87 -28.12
C ALA B 238 15.86 -10.25 -28.85
N SER B 239 16.85 -9.35 -28.82
CA SER B 239 18.14 -9.65 -29.43
C SER B 239 18.77 -10.88 -28.80
N ASN B 240 18.68 -11.01 -27.48
CA ASN B 240 19.16 -12.16 -26.74
C ASN B 240 20.68 -12.28 -26.77
N VAL C 1 -25.06 14.91 12.37
CA VAL C 1 -24.82 14.09 13.53
C VAL C 1 -23.55 13.33 13.21
N PHE C 3 -24.49 15.21 8.47
CA PHE C 3 -25.01 16.55 8.43
C PHE C 3 -26.34 16.63 9.15
N ILE C 7 -18.02 14.85 17.28
CA ILE C 7 -19.21 15.28 16.53
C ILE C 7 -19.20 14.23 15.37
N PHE D 3 28.59 -6.35 -1.61
CA PHE D 3 29.66 -6.54 -0.68
C PHE D 3 30.97 -6.34 -1.39
N VAL D 5 30.08 -2.97 -3.08
CA VAL D 5 29.91 -1.88 -4.03
C VAL D 5 28.40 -1.69 -4.20
N ILE D 7 26.76 4.57 -1.47
CA ILE D 7 27.59 3.39 -1.59
C ILE D 7 26.59 2.34 -2.16
#